data_4CB6
#
_entry.id   4CB6
#
_cell.length_a   116.170
_cell.length_b   31.130
_cell.length_c   98.790
_cell.angle_alpha   90.00
_cell.angle_beta   118.27
_cell.angle_gamma   90.00
#
_symmetry.space_group_name_H-M   'C 1 2 1'
#
loop_
_entity.id
_entity.type
_entity.pdbx_description
1 polymer 'POLYMERASE BASIC SUBUNIT 2'
2 non-polymer 2,9-N,N-DI(4-CARBOXYBUTYL)-7-N-METHYLGUANINE
3 non-polymer 'IODIDE ION'
4 water water
#
_entity_poly.entity_id   1
_entity_poly.type   'polypeptide(L)'
_entity_poly.pdbx_seq_one_letter_code
;GRISSSFSFGGFTFKRTSGSSVKKEEEVLTGNLQTLKIRVHEGYEEFTMVGRRATAILRKATRRLIQLIVSGRDEQSIAE
AIIVAMVFSQEDCMIKAVRGDLNFVNRANQRLNPMHQLLRHFQKDAKVLFQNWGIEPIDNVMGMIGILPDMTPSTEMSLR
GVRVSKM
;
_entity_poly.pdbx_strand_id   A,B
#
loop_
_chem_comp.id
_chem_comp.type
_chem_comp.name
_chem_comp.formula
29R non-polymer 2,9-N,N-DI(4-CARBOXYBUTYL)-7-N-METHYLGUANINE 'C16 H24 N5 O5 1'
IOD non-polymer 'IODIDE ION' 'I -1'
#
# COMPACT_ATOMS: atom_id res chain seq x y z
N ILE A 3 -11.25 -33.61 -14.20
CA ILE A 3 -11.62 -32.38 -14.96
C ILE A 3 -10.52 -31.35 -14.73
N SER A 4 -9.89 -30.88 -15.80
CA SER A 4 -8.93 -29.76 -15.69
C SER A 4 -9.72 -28.47 -15.80
N SER A 5 -9.20 -27.41 -15.16
CA SER A 5 -9.83 -26.11 -15.18
C SER A 5 -8.83 -24.98 -15.13
N SER A 6 -9.20 -23.88 -15.77
CA SER A 6 -8.40 -22.69 -15.70
C SER A 6 -8.77 -21.95 -14.43
N PHE A 7 -7.94 -20.98 -14.12
CA PHE A 7 -8.20 -20.07 -12.99
C PHE A 7 -7.45 -18.74 -13.23
N SER A 8 -7.83 -17.75 -12.44
CA SER A 8 -7.34 -16.42 -12.61
C SER A 8 -6.48 -16.16 -11.39
N PHE A 9 -5.31 -15.56 -11.64
CA PHE A 9 -4.43 -15.08 -10.59
C PHE A 9 -3.70 -13.88 -11.17
N GLY A 10 -3.78 -12.77 -10.45
CA GLY A 10 -3.06 -11.56 -10.78
C GLY A 10 -3.44 -10.96 -12.10
N GLY A 11 -4.69 -11.19 -12.53
CA GLY A 11 -5.14 -10.67 -13.78
C GLY A 11 -4.78 -11.51 -14.96
N PHE A 12 -4.18 -12.66 -14.70
CA PHE A 12 -3.84 -13.61 -15.76
C PHE A 12 -4.69 -14.84 -15.66
N THR A 13 -5.06 -15.38 -16.81
CA THR A 13 -5.72 -16.68 -16.87
C THR A 13 -4.65 -17.78 -16.94
N PHE A 14 -4.62 -18.63 -15.93
CA PHE A 14 -3.74 -19.74 -15.80
C PHE A 14 -4.44 -20.98 -16.29
N LYS A 15 -3.68 -21.83 -16.97
CA LYS A 15 -4.09 -23.18 -17.31
C LYS A 15 -2.93 -24.16 -17.15
N ARG A 16 -3.10 -25.17 -16.33
CA ARG A 16 -2.06 -26.20 -16.23
C ARG A 16 -2.06 -27.03 -17.49
N THR A 17 -0.92 -27.04 -18.17
CA THR A 17 -0.82 -27.78 -19.41
C THR A 17 -0.16 -29.16 -19.27
N SER A 18 0.65 -29.35 -18.23
CA SER A 18 1.15 -30.64 -17.88
C SER A 18 1.70 -30.65 -16.47
N GLY A 19 1.89 -31.87 -16.01
CA GLY A 19 2.43 -32.17 -14.71
C GLY A 19 1.35 -32.45 -13.68
N SER A 20 1.77 -32.53 -12.43
CA SER A 20 0.88 -32.79 -11.34
C SER A 20 1.47 -32.21 -10.07
N SER A 21 0.65 -32.12 -9.04
CA SER A 21 1.17 -31.72 -7.72
C SER A 21 0.23 -32.12 -6.60
N VAL A 22 0.78 -32.26 -5.41
CA VAL A 22 -0.02 -32.53 -4.20
C VAL A 22 0.08 -31.24 -3.37
N LYS A 23 -0.95 -30.98 -2.58
CA LYS A 23 -0.98 -29.82 -1.72
C LYS A 23 -0.50 -30.19 -0.32
N LYS A 24 0.27 -29.29 0.30
CA LYS A 24 0.65 -29.37 1.69
C LYS A 24 0.53 -27.95 2.26
N GLU A 25 0.54 -27.82 3.56
CA GLU A 25 0.57 -26.50 4.20
C GLU A 25 1.98 -26.33 4.66
N GLU A 26 2.53 -25.16 4.45
CA GLU A 26 3.87 -24.84 4.98
C GLU A 26 3.78 -23.48 5.63
N GLU A 27 4.38 -23.36 6.81
CA GLU A 27 4.40 -22.09 7.50
C GLU A 27 5.73 -21.38 7.17
N VAL A 28 5.65 -20.22 6.56
CA VAL A 28 6.85 -19.46 6.21
C VAL A 28 6.91 -18.19 7.05
N LEU A 29 8.11 -17.64 7.14
CA LEU A 29 8.35 -16.35 7.81
C LEU A 29 8.85 -15.36 6.77
N THR A 30 8.18 -14.20 6.68
CA THR A 30 8.46 -13.23 5.63
C THR A 30 9.69 -12.43 5.94
N GLY A 31 10.11 -11.63 4.94
CA GLY A 31 11.10 -10.62 5.14
C GLY A 31 10.86 -9.65 6.31
N ASN A 32 9.62 -9.53 6.83
CA ASN A 32 9.35 -8.76 8.09
C ASN A 32 9.00 -9.60 9.36
N LEU A 33 9.38 -10.86 9.37
CA LEU A 33 9.05 -11.76 10.50
C LEU A 33 7.55 -12.04 10.75
N GLN A 34 6.73 -11.95 9.73
CA GLN A 34 5.35 -12.32 9.83
C GLN A 34 5.22 -13.79 9.38
N THR A 35 4.45 -14.58 10.13
CA THR A 35 4.18 -15.96 9.71
C THR A 35 3.05 -16.03 8.74
N LEU A 36 3.26 -16.70 7.62
CA LEU A 36 2.17 -16.99 6.69
C LEU A 36 2.05 -18.49 6.54
N LYS A 37 0.84 -18.98 6.58
CA LYS A 37 0.61 -20.39 6.32
C LYS A 37 0.13 -20.50 4.90
N ILE A 38 0.98 -21.01 4.04
CA ILE A 38 0.67 -21.12 2.61
C ILE A 38 0.39 -22.55 2.16
N ARG A 39 -0.56 -22.71 1.23
CA ARG A 39 -0.82 -24.01 0.65
C ARG A 39 0.18 -24.17 -0.48
N VAL A 40 1.15 -25.03 -0.24
CA VAL A 40 2.26 -25.20 -1.17
C VAL A 40 1.96 -26.42 -2.08
N HIS A 41 2.21 -26.27 -3.37
CA HIS A 41 2.02 -27.33 -4.32
C HIS A 41 3.37 -27.98 -4.60
N GLU A 42 3.42 -29.31 -4.44
CA GLU A 42 4.64 -30.08 -4.55
C GLU A 42 4.55 -30.92 -5.77
N GLY A 43 5.50 -30.72 -6.68
CA GLY A 43 5.45 -31.35 -7.97
C GLY A 43 5.92 -30.43 -9.07
N TYR A 44 6.23 -31.01 -10.23
CA TYR A 44 6.60 -30.28 -11.41
C TYR A 44 5.39 -30.05 -12.24
N GLU A 45 5.16 -28.82 -12.65
CA GLU A 45 3.94 -28.47 -13.44
C GLU A 45 4.31 -27.39 -14.46
N GLU A 46 3.58 -27.35 -15.56
CA GLU A 46 3.71 -26.34 -16.60
C GLU A 46 2.35 -25.67 -16.79
N PHE A 47 2.37 -24.34 -16.91
CA PHE A 47 1.15 -23.52 -17.07
C PHE A 47 1.28 -22.55 -18.23
N THR A 48 0.17 -22.23 -18.89
CA THR A 48 0.08 -21.00 -19.65
C THR A 48 -0.47 -19.86 -18.76
N MET A 49 -0.07 -18.63 -19.06
CA MET A 49 -0.57 -17.41 -18.47
C MET A 49 -1.01 -16.51 -19.58
N VAL A 50 -2.30 -16.16 -19.59
CA VAL A 50 -2.84 -15.28 -20.64
C VAL A 50 -3.40 -14.01 -20.04
N GLY A 51 -2.84 -12.88 -20.44
CA GLY A 51 -3.31 -11.57 -19.98
C GLY A 51 -3.67 -10.74 -21.18
N ARG A 52 -4.30 -9.60 -20.96
CA ARG A 52 -4.66 -8.68 -22.04
C ARG A 52 -3.45 -8.22 -22.84
N ARG A 53 -2.31 -7.99 -22.17
CA ARG A 53 -1.17 -7.38 -22.83
C ARG A 53 0.14 -8.16 -22.70
N ALA A 54 0.06 -9.40 -22.22
CA ALA A 54 1.21 -10.25 -22.06
C ALA A 54 0.73 -11.68 -21.93
N THR A 55 1.55 -12.62 -22.37
CA THR A 55 1.31 -14.02 -22.14
C THR A 55 2.61 -14.68 -21.76
N ALA A 56 2.52 -15.82 -21.10
CA ALA A 56 3.72 -16.53 -20.67
C ALA A 56 3.48 -18.02 -20.60
N ILE A 57 4.57 -18.73 -20.63
CA ILE A 57 4.61 -20.12 -20.22
C ILE A 57 5.48 -20.25 -18.97
N LEU A 58 4.95 -20.87 -17.93
CA LEU A 58 5.64 -20.99 -16.63
C LEU A 58 5.80 -22.47 -16.32
N ARG A 59 7.04 -22.86 -16.10
N ARG A 59 7.05 -22.87 -16.11
CA ARG A 59 7.37 -24.20 -15.66
CA ARG A 59 7.38 -24.21 -15.67
C ARG A 59 7.92 -24.03 -14.25
C ARG A 59 7.92 -24.03 -14.26
N LYS A 60 7.33 -24.75 -13.31
CA LYS A 60 7.73 -24.64 -11.93
C LYS A 60 7.76 -26.01 -11.30
N ALA A 61 8.51 -26.08 -10.20
CA ALA A 61 8.47 -27.24 -9.34
C ALA A 61 8.09 -26.71 -7.94
N THR A 62 8.32 -27.52 -6.92
CA THR A 62 8.04 -27.19 -5.52
C THR A 62 8.76 -25.92 -5.05
N ARG A 63 8.00 -24.86 -4.85
CA ARG A 63 8.57 -23.56 -4.44
C ARG A 63 9.80 -23.18 -5.32
N ARG A 64 9.67 -23.38 -6.61
CA ARG A 64 10.80 -23.17 -7.52
C ARG A 64 10.31 -22.76 -8.93
N LEU A 65 10.67 -21.57 -9.40
CA LEU A 65 10.43 -21.18 -10.76
C LEU A 65 11.57 -21.78 -11.58
N ILE A 66 11.24 -22.62 -12.56
CA ILE A 66 12.23 -23.22 -13.43
C ILE A 66 12.42 -22.39 -14.66
N GLN A 67 11.34 -21.98 -15.32
CA GLN A 67 11.42 -21.15 -16.46
C GLN A 67 10.15 -20.40 -16.71
N LEU A 68 10.33 -19.14 -17.10
CA LEU A 68 9.26 -18.25 -17.52
C LEU A 68 9.61 -17.66 -18.87
N ILE A 69 8.84 -18.03 -19.90
CA ILE A 69 9.00 -17.40 -21.19
C ILE A 69 7.84 -16.47 -21.37
N VAL A 70 8.14 -15.20 -21.50
CA VAL A 70 7.12 -14.18 -21.45
C VAL A 70 7.23 -13.31 -22.69
N SER A 71 6.08 -12.98 -23.28
CA SER A 71 5.99 -11.92 -24.32
C SER A 71 4.91 -10.92 -24.00
N GLY A 72 5.11 -9.68 -24.40
CA GLY A 72 4.19 -8.64 -24.05
C GLY A 72 4.25 -7.44 -24.95
N ARG A 73 3.28 -6.54 -24.82
CA ARG A 73 3.19 -5.37 -25.69
C ARG A 73 4.15 -4.24 -25.24
N ASP A 74 4.51 -4.23 -23.96
CA ASP A 74 5.38 -3.18 -23.45
C ASP A 74 6.03 -3.55 -22.12
N GLU A 75 6.99 -2.75 -21.74
CA GLU A 75 7.67 -2.98 -20.47
C GLU A 75 6.75 -3.25 -19.26
N GLN A 76 5.74 -2.41 -19.06
CA GLN A 76 4.89 -2.58 -17.86
C GLN A 76 4.15 -3.91 -17.85
N SER A 77 3.63 -4.32 -18.98
CA SER A 77 2.80 -5.49 -19.04
C SER A 77 3.68 -6.77 -18.90
N ILE A 78 4.91 -6.72 -19.43
CA ILE A 78 5.88 -7.81 -19.23
C ILE A 78 6.20 -7.93 -17.72
N ALA A 79 6.43 -6.80 -17.08
CA ALA A 79 6.77 -6.71 -15.68
C ALA A 79 5.63 -7.26 -14.82
N GLU A 80 4.39 -7.01 -15.22
CA GLU A 80 3.28 -7.53 -14.46
C GLU A 80 3.24 -9.03 -14.48
N ALA A 81 3.54 -9.62 -15.60
CA ALA A 81 3.51 -11.07 -15.73
C ALA A 81 4.63 -11.70 -14.93
N ILE A 82 5.78 -11.07 -14.97
CA ILE A 82 6.93 -11.57 -14.21
C ILE A 82 6.63 -11.61 -12.73
N ILE A 83 6.04 -10.54 -12.20
CA ILE A 83 5.68 -10.45 -10.81
C ILE A 83 4.73 -11.57 -10.43
N VAL A 84 3.68 -11.73 -11.20
CA VAL A 84 2.71 -12.75 -10.93
C VAL A 84 3.35 -14.12 -10.93
N ALA A 85 4.23 -14.40 -11.87
CA ALA A 85 4.82 -15.74 -11.96
C ALA A 85 5.75 -15.97 -10.77
N MET A 86 6.48 -14.91 -10.38
CA MET A 86 7.37 -14.98 -9.24
C MET A 86 6.60 -15.29 -7.97
N VAL A 87 5.48 -14.62 -7.74
CA VAL A 87 4.69 -14.93 -6.56
C VAL A 87 4.09 -16.36 -6.63
N PHE A 88 3.57 -16.71 -7.79
CA PHE A 88 2.96 -17.98 -7.99
C PHE A 88 3.94 -19.14 -7.77
N SER A 89 5.25 -18.89 -8.06
CA SER A 89 6.30 -19.88 -7.79
C SER A 89 6.38 -20.29 -6.37
N GLN A 90 6.00 -19.40 -5.47
CA GLN A 90 6.06 -19.61 -4.02
C GLN A 90 7.52 -19.71 -3.51
N GLU A 91 8.43 -19.21 -4.31
CA GLU A 91 9.83 -19.26 -3.98
C GLU A 91 10.16 -18.59 -2.66
N ASP A 92 11.05 -19.20 -1.90
CA ASP A 92 11.55 -18.59 -0.66
C ASP A 92 12.11 -17.18 -0.86
N CYS A 93 12.82 -16.96 -1.96
N CYS A 93 12.80 -16.99 -1.97
CA CYS A 93 13.40 -15.62 -2.14
CA CYS A 93 13.36 -15.73 -2.35
C CYS A 93 12.32 -14.56 -2.37
C CYS A 93 12.33 -14.60 -2.42
N MET A 94 11.14 -14.97 -2.87
CA MET A 94 10.05 -14.04 -3.03
C MET A 94 9.52 -13.71 -1.65
N ILE A 95 9.37 -14.73 -0.79
CA ILE A 95 8.86 -14.57 0.58
C ILE A 95 9.79 -13.66 1.35
N LYS A 96 11.08 -13.86 1.17
CA LYS A 96 12.07 -13.09 1.91
C LYS A 96 12.19 -11.66 1.36
N ALA A 97 11.61 -11.38 0.19
CA ALA A 97 11.59 -10.03 -0.39
C ALA A 97 10.50 -9.13 0.14
N VAL A 98 9.59 -9.70 0.93
CA VAL A 98 8.49 -8.95 1.50
C VAL A 98 9.06 -7.94 2.50
N ARG A 99 8.52 -6.73 2.50
CA ARG A 99 8.93 -5.66 3.42
C ARG A 99 7.70 -5.11 4.13
N GLY A 100 7.76 -5.05 5.45
CA GLY A 100 6.57 -4.67 6.23
C GLY A 100 5.60 -5.85 6.36
N ASP A 101 4.50 -5.60 7.06
CA ASP A 101 3.49 -6.62 7.27
C ASP A 101 2.50 -6.67 6.18
N LEU A 102 1.89 -7.84 6.03
CA LEU A 102 0.82 -8.03 5.05
C LEU A 102 -0.50 -8.30 5.76
N ASN A 103 -1.39 -7.34 5.67
CA ASN A 103 -2.68 -7.48 6.27
C ASN A 103 -3.76 -6.88 5.38
N PHE A 104 -3.65 -7.10 4.07
CA PHE A 104 -4.59 -6.56 3.09
C PHE A 104 -5.98 -7.22 3.26
N VAL A 105 -7.04 -6.44 3.07
CA VAL A 105 -8.43 -6.94 3.16
C VAL A 105 -9.18 -6.45 1.92
N ASN A 106 -10.24 -7.15 1.48
CA ASN A 106 -10.90 -6.73 0.23
C ASN A 106 -11.97 -5.61 0.42
N ARG A 107 -12.80 -5.38 -0.61
CA ARG A 107 -13.92 -4.41 -0.53
C ARG A 107 -14.84 -4.85 0.61
N ALA A 108 -15.29 -6.09 0.52
CA ALA A 108 -16.00 -6.78 1.62
C ALA A 108 -15.30 -6.86 3.01
N ASN A 109 -14.08 -6.32 3.16
CA ASN A 109 -13.34 -6.40 4.45
C ASN A 109 -12.87 -7.85 4.74
N GLN A 110 -12.86 -8.72 3.73
CA GLN A 110 -12.37 -10.07 3.97
C GLN A 110 -10.85 -10.04 3.82
N ARG A 111 -10.15 -10.58 4.78
CA ARG A 111 -8.72 -10.75 4.68
C ARG A 111 -8.32 -11.59 3.46
N LEU A 112 -7.36 -11.10 2.65
CA LEU A 112 -6.86 -11.87 1.51
C LEU A 112 -6.04 -13.06 1.99
N ASN A 113 -6.07 -14.18 1.25
CA ASN A 113 -5.27 -15.34 1.63
C ASN A 113 -3.79 -15.07 1.34
N PRO A 114 -2.91 -15.87 1.94
CA PRO A 114 -1.49 -15.55 1.84
C PRO A 114 -0.97 -15.32 0.43
N MET A 115 -1.37 -16.12 -0.54
CA MET A 115 -0.91 -15.95 -1.91
C MET A 115 -1.35 -14.58 -2.44
N HIS A 116 -2.55 -14.10 -2.07
CA HIS A 116 -3.04 -12.84 -2.57
C HIS A 116 -2.46 -11.64 -1.81
N GLN A 117 -2.08 -11.85 -0.57
CA GLN A 117 -1.38 -10.86 0.23
C GLN A 117 -0.06 -10.55 -0.47
N LEU A 118 0.66 -11.62 -0.86
CA LEU A 118 1.95 -11.50 -1.52
C LEU A 118 1.80 -10.79 -2.86
N LEU A 119 0.78 -11.21 -3.64
CA LEU A 119 0.48 -10.62 -4.88
C LEU A 119 0.22 -9.11 -4.73
N ARG A 120 -0.64 -8.74 -3.79
CA ARG A 120 -1.01 -7.34 -3.63
C ARG A 120 0.25 -6.55 -3.27
N HIS A 121 1.07 -7.11 -2.40
CA HIS A 121 2.28 -6.41 -1.95
C HIS A 121 3.26 -6.12 -3.11
N PHE A 122 3.50 -7.10 -3.96
CA PHE A 122 4.52 -6.98 -4.97
C PHE A 122 3.97 -6.24 -6.19
N GLN A 123 2.69 -6.31 -6.42
CA GLN A 123 2.09 -5.49 -7.45
C GLN A 123 2.31 -4.01 -7.16
N LYS A 124 2.37 -3.63 -5.87
CA LYS A 124 2.53 -2.23 -5.46
C LYS A 124 3.96 -1.75 -5.71
N ASP A 125 4.92 -2.62 -5.42
CA ASP A 125 6.32 -2.29 -5.62
C ASP A 125 7.13 -3.57 -5.68
N ALA A 126 7.71 -3.86 -6.85
CA ALA A 126 8.47 -5.08 -7.07
C ALA A 126 9.97 -4.91 -7.02
N LYS A 127 10.47 -3.73 -6.59
CA LYS A 127 11.91 -3.44 -6.74
C LYS A 127 12.73 -4.38 -5.92
N VAL A 128 12.26 -4.68 -4.72
CA VAL A 128 13.01 -5.53 -3.80
C VAL A 128 12.98 -6.99 -4.32
N LEU A 129 11.81 -7.43 -4.72
CA LEU A 129 11.67 -8.74 -5.35
C LEU A 129 12.66 -8.93 -6.51
N PHE A 130 12.58 -8.05 -7.49
CA PHE A 130 13.41 -8.09 -8.65
C PHE A 130 14.91 -8.02 -8.34
N GLN A 131 15.27 -7.13 -7.43
CA GLN A 131 16.69 -7.02 -7.02
C GLN A 131 17.28 -8.23 -6.28
N ASN A 132 16.44 -8.98 -5.60
CA ASN A 132 16.88 -10.13 -4.84
C ASN A 132 16.71 -11.48 -5.49
N TRP A 133 15.98 -11.50 -6.60
CA TRP A 133 15.60 -12.73 -7.30
C TRP A 133 16.79 -13.51 -7.85
N GLY A 134 17.74 -12.80 -8.42
CA GLY A 134 18.93 -13.39 -9.03
C GLY A 134 18.97 -13.24 -10.54
N ILE A 135 20.19 -13.21 -11.08
CA ILE A 135 20.43 -13.01 -12.50
C ILE A 135 21.40 -14.07 -12.98
N GLU A 136 21.43 -14.26 -14.29
CA GLU A 136 22.18 -15.36 -14.91
C GLU A 136 22.47 -14.96 -16.37
N PRO A 137 23.59 -15.47 -16.97
CA PRO A 137 23.83 -15.20 -18.34
C PRO A 137 22.82 -15.96 -19.17
N ILE A 138 22.49 -15.43 -20.34
CA ILE A 138 21.64 -16.21 -21.27
C ILE A 138 22.55 -16.91 -22.28
N ASP A 139 22.12 -18.06 -22.75
CA ASP A 139 22.92 -18.81 -23.68
C ASP A 139 22.45 -18.69 -25.14
N ASN A 140 21.37 -17.93 -25.38
CA ASN A 140 20.89 -17.66 -26.74
C ASN A 140 20.32 -18.84 -27.51
N VAL A 141 20.30 -20.03 -26.92
CA VAL A 141 19.80 -21.23 -27.58
C VAL A 141 18.35 -21.11 -28.05
N MET A 142 17.54 -20.29 -27.37
CA MET A 142 16.16 -20.05 -27.79
C MET A 142 16.04 -18.78 -28.61
N GLY A 143 17.14 -18.05 -28.78
CA GLY A 143 17.13 -16.83 -29.55
C GLY A 143 16.27 -15.75 -28.92
N MET A 144 16.17 -15.74 -27.58
CA MET A 144 15.30 -14.80 -26.92
C MET A 144 16.12 -13.73 -26.30
N ILE A 145 15.48 -12.87 -25.50
CA ILE A 145 16.23 -11.79 -24.90
C ILE A 145 16.06 -11.81 -23.41
N GLY A 146 17.09 -11.37 -22.73
CA GLY A 146 17.01 -11.16 -21.31
C GLY A 146 16.25 -9.93 -20.87
N ILE A 147 15.84 -9.96 -19.62
CA ILE A 147 15.30 -8.83 -18.95
C ILE A 147 15.93 -8.69 -17.55
N LEU A 148 16.42 -7.50 -17.26
CA LEU A 148 17.11 -7.21 -15.99
C LEU A 148 16.19 -6.79 -14.85
N PRO A 149 16.68 -6.84 -13.60
CA PRO A 149 15.85 -6.47 -12.46
C PRO A 149 15.23 -5.08 -12.56
N ASP A 150 15.82 -4.18 -13.35
CA ASP A 150 15.29 -2.86 -13.56
C ASP A 150 14.32 -2.81 -14.72
N MET A 151 14.05 -3.97 -15.31
CA MET A 151 13.08 -4.16 -16.39
C MET A 151 13.59 -3.68 -17.73
N THR A 152 14.89 -3.37 -17.82
CA THR A 152 15.46 -3.07 -19.13
C THR A 152 15.93 -4.35 -19.81
N PRO A 153 15.88 -4.38 -21.15
CA PRO A 153 16.33 -5.59 -21.83
C PRO A 153 17.84 -5.74 -21.82
N SER A 154 18.27 -6.99 -21.97
CA SER A 154 19.69 -7.30 -22.04
C SER A 154 19.89 -8.52 -22.92
N THR A 155 20.90 -8.42 -23.79
CA THR A 155 21.26 -9.51 -24.69
C THR A 155 22.28 -10.42 -23.99
N GLU A 156 22.68 -10.08 -22.76
CA GLU A 156 23.73 -10.80 -22.05
C GLU A 156 23.24 -11.63 -20.89
N MET A 157 22.32 -11.07 -20.11
CA MET A 157 21.91 -11.57 -18.85
C MET A 157 20.39 -11.39 -18.70
N SER A 158 19.85 -12.04 -17.71
CA SER A 158 18.40 -11.93 -17.41
C SER A 158 18.15 -12.35 -16.00
N LEU A 159 17.00 -11.92 -15.49
CA LEU A 159 16.47 -12.50 -14.31
C LEU A 159 16.45 -14.02 -14.43
N ARG A 160 16.80 -14.70 -13.31
CA ARG A 160 16.99 -16.13 -13.27
C ARG A 160 15.69 -16.80 -13.75
N GLY A 161 15.83 -17.63 -14.78
CA GLY A 161 14.76 -18.44 -15.30
C GLY A 161 13.82 -17.70 -16.24
N VAL A 162 14.04 -16.40 -16.45
CA VAL A 162 13.10 -15.59 -17.24
C VAL A 162 13.67 -15.31 -18.59
N ARG A 163 12.89 -15.49 -19.65
CA ARG A 163 13.31 -15.07 -21.00
C ARG A 163 12.15 -14.36 -21.65
N VAL A 164 12.47 -13.34 -22.42
CA VAL A 164 11.48 -12.59 -23.13
C VAL A 164 11.48 -12.98 -24.59
N SER A 165 10.29 -13.28 -25.11
CA SER A 165 10.07 -13.72 -26.44
C SER A 165 9.25 -12.72 -27.22
N LYS A 166 9.33 -12.78 -28.55
CA LYS A 166 8.54 -11.86 -29.41
C LYS A 166 7.06 -12.25 -29.28
N MET A 167 6.18 -11.38 -29.21
N SER B 5 -18.27 8.19 -3.83
CA SER B 5 -19.25 9.02 -3.06
C SER B 5 -18.64 9.76 -1.88
N SER B 6 -19.43 10.72 -1.44
CA SER B 6 -19.10 11.63 -0.38
C SER B 6 -19.33 10.97 0.99
N PHE B 7 -18.61 11.41 2.03
CA PHE B 7 -18.81 10.90 3.40
C PHE B 7 -18.42 11.96 4.40
N SER B 8 -18.87 11.78 5.63
CA SER B 8 -18.76 12.80 6.66
C SER B 8 -17.75 12.27 7.65
N PHE B 9 -16.84 13.12 8.08
CA PHE B 9 -15.87 12.78 9.14
C PHE B 9 -15.51 14.09 9.82
N GLY B 10 -15.71 14.10 11.13
CA GLY B 10 -15.35 15.25 11.96
C GLY B 10 -16.10 16.53 11.65
N GLY B 11 -17.30 16.42 11.13
CA GLY B 11 -18.10 17.59 10.82
C GLY B 11 -17.74 18.16 9.46
N PHE B 12 -16.92 17.45 8.70
CA PHE B 12 -16.60 17.83 7.34
C PHE B 12 -17.09 16.82 6.33
N THR B 13 -17.54 17.33 5.20
CA THR B 13 -17.93 16.48 4.10
C THR B 13 -16.70 16.24 3.27
N PHE B 14 -16.35 14.97 3.15
CA PHE B 14 -15.17 14.52 2.39
C PHE B 14 -15.64 14.02 1.03
N LYS B 15 -14.86 14.32 0.00
CA LYS B 15 -15.03 13.76 -1.34
C LYS B 15 -13.65 13.44 -1.95
N ARG B 16 -13.43 12.20 -2.33
CA ARG B 16 -12.20 11.87 -3.03
C ARG B 16 -12.27 12.45 -4.45
N THR B 17 -11.32 13.32 -4.78
CA THR B 17 -11.31 13.92 -6.13
C THR B 17 -10.30 13.26 -7.09
N SER B 18 -9.31 12.54 -6.55
CA SER B 18 -8.42 11.72 -7.37
C SER B 18 -7.61 10.73 -6.51
N GLY B 19 -7.03 9.77 -7.21
CA GLY B 19 -6.16 8.76 -6.64
C GLY B 19 -6.91 7.46 -6.35
N SER B 20 -6.24 6.56 -5.66
CA SER B 20 -6.81 5.29 -5.30
C SER B 20 -6.18 4.78 -4.04
N SER B 21 -6.80 3.77 -3.47
CA SER B 21 -6.18 3.11 -2.33
C SER B 21 -6.73 1.71 -2.13
N VAL B 22 -5.99 0.90 -1.41
CA VAL B 22 -6.49 -0.41 -0.95
C VAL B 22 -6.46 -0.43 0.58
N LYS B 23 -7.29 -1.28 1.16
CA LYS B 23 -7.38 -1.37 2.60
C LYS B 23 -6.53 -2.48 3.16
N LYS B 24 -5.99 -2.21 4.33
CA LYS B 24 -5.34 -3.18 5.14
C LYS B 24 -5.68 -2.90 6.59
N GLU B 25 -5.36 -3.84 7.48
CA GLU B 25 -5.47 -3.64 8.92
C GLU B 25 -4.10 -3.50 9.49
N GLU B 26 -3.91 -2.51 10.32
CA GLU B 26 -2.63 -2.28 10.93
C GLU B 26 -2.83 -2.02 12.40
N GLU B 27 -2.06 -2.71 13.23
CA GLU B 27 -2.12 -2.48 14.65
C GLU B 27 -1.15 -1.35 14.93
N VAL B 28 -1.62 -0.33 15.64
CA VAL B 28 -0.75 0.74 16.13
C VAL B 28 -0.84 0.89 17.62
N LEU B 29 0.18 1.53 18.19
CA LEU B 29 0.28 1.73 19.62
C LEU B 29 0.26 3.23 19.87
N THR B 30 -0.66 3.67 20.72
CA THR B 30 -0.82 5.09 20.98
C THR B 30 0.27 5.63 21.87
N GLY B 31 0.27 6.95 22.00
CA GLY B 31 1.02 7.64 23.03
C GLY B 31 0.77 7.20 24.49
N ASN B 32 -0.33 6.49 24.76
CA ASN B 32 -0.55 5.87 26.08
C ASN B 32 -0.43 4.33 26.08
N LEU B 33 0.29 3.76 25.11
CA LEU B 33 0.51 2.32 25.00
C LEU B 33 -0.76 1.49 24.84
N GLN B 34 -1.80 2.05 24.27
CA GLN B 34 -2.98 1.30 23.93
C GLN B 34 -2.84 0.81 22.49
N THR B 35 -3.16 -0.45 22.24
CA THR B 35 -3.22 -0.96 20.88
C THR B 35 -4.51 -0.64 20.20
N LEU B 36 -4.44 -0.07 19.00
CA LEU B 36 -5.61 0.12 18.16
C LEU B 36 -5.40 -0.64 16.83
N LYS B 37 -6.43 -1.31 16.33
CA LYS B 37 -6.36 -1.95 15.04
C LYS B 37 -7.13 -1.13 14.02
N ILE B 38 -6.39 -0.42 13.18
CA ILE B 38 -6.96 0.55 12.27
C ILE B 38 -7.02 -0.01 10.85
N ARG B 39 -8.09 0.31 10.14
CA ARG B 39 -8.21 0.02 8.74
C ARG B 39 -7.48 1.15 8.00
N VAL B 40 -6.31 0.83 7.50
CA VAL B 40 -5.45 1.78 6.88
C VAL B 40 -5.66 1.75 5.38
N HIS B 41 -5.69 2.93 4.77
CA HIS B 41 -5.79 3.03 3.31
C HIS B 41 -4.42 3.30 2.73
N GLU B 42 -4.03 2.44 1.79
CA GLU B 42 -2.69 2.44 1.19
C GLU B 42 -2.85 2.97 -0.19
N GLY B 43 -2.16 4.07 -0.48
CA GLY B 43 -2.26 4.73 -1.77
C GLY B 43 -2.22 6.23 -1.65
N TYR B 44 -2.01 6.90 -2.77
CA TYR B 44 -2.03 8.37 -2.83
C TYR B 44 -3.42 8.77 -3.22
N GLU B 45 -4.00 9.73 -2.49
CA GLU B 45 -5.38 10.18 -2.75
C GLU B 45 -5.51 11.70 -2.47
N GLU B 46 -6.40 12.38 -3.20
CA GLU B 46 -6.71 13.78 -2.96
C GLU B 46 -8.19 13.86 -2.61
N PHE B 47 -8.51 14.69 -1.62
CA PHE B 47 -9.88 14.92 -1.16
C PHE B 47 -10.17 16.41 -1.03
N THR B 48 -11.43 16.76 -1.24
CA THR B 48 -11.95 18.01 -0.68
C THR B 48 -12.57 17.77 0.74
N MET B 49 -12.46 18.78 1.59
CA MET B 49 -13.17 18.83 2.89
C MET B 49 -14.01 20.11 2.93
N VAL B 50 -15.31 19.95 3.07
CA VAL B 50 -16.23 21.06 3.14
C VAL B 50 -16.95 21.11 4.49
N GLY B 51 -16.72 22.19 5.23
CA GLY B 51 -17.37 22.42 6.52
C GLY B 51 -18.13 23.72 6.46
N ARG B 52 -18.93 24.00 7.49
CA ARG B 52 -19.72 25.23 7.53
C ARG B 52 -18.84 26.48 7.49
N ARG B 53 -17.69 26.42 8.15
CA ARG B 53 -16.85 27.60 8.38
C ARG B 53 -15.40 27.47 7.90
N ALA B 54 -15.11 26.39 7.19
CA ALA B 54 -13.76 26.13 6.66
C ALA B 54 -13.84 25.08 5.58
N THR B 55 -12.90 25.15 4.64
CA THR B 55 -12.81 24.14 3.60
C THR B 55 -11.37 23.87 3.41
N ALA B 56 -11.08 22.70 2.83
CA ALA B 56 -9.71 22.33 2.59
C ALA B 56 -9.58 21.38 1.41
N ILE B 57 -8.34 21.29 0.93
CA ILE B 57 -7.92 20.25 0.02
C ILE B 57 -6.85 19.45 0.71
N LEU B 58 -7.02 18.14 0.76
CA LEU B 58 -6.08 17.25 1.46
C LEU B 58 -5.53 16.27 0.45
N ARG B 59 -4.22 16.24 0.36
CA ARG B 59 -3.52 15.25 -0.39
C ARG B 59 -2.79 14.42 0.61
N LYS B 60 -3.04 13.12 0.54
CA LYS B 60 -2.39 12.19 1.46
C LYS B 60 -1.93 10.92 0.74
N ALA B 61 -1.03 10.21 1.40
CA ALA B 61 -0.62 8.88 0.95
C ALA B 61 -0.84 7.96 2.15
N THR B 62 -0.25 6.78 2.09
CA THR B 62 -0.29 5.80 3.17
C THR B 62 0.19 6.37 4.51
N ARG B 63 -0.75 6.61 5.43
CA ARG B 63 -0.41 7.16 6.76
C ARG B 63 0.49 8.38 6.65
N ARG B 64 0.17 9.27 5.72
CA ARG B 64 1.05 10.41 5.45
C ARG B 64 0.24 11.59 4.93
N LEU B 65 0.26 12.69 5.64
CA LEU B 65 -0.35 13.93 5.13
C LEU B 65 0.74 14.54 4.28
N ILE B 66 0.43 14.73 3.01
CA ILE B 66 1.35 15.37 2.07
C ILE B 66 1.10 16.88 1.99
N GLN B 67 -0.14 17.28 1.85
CA GLN B 67 -0.46 18.70 1.84
C GLN B 67 -1.87 18.94 2.25
N LEU B 68 -2.03 20.03 3.01
CA LEU B 68 -3.36 20.51 3.40
C LEU B 68 -3.42 22.03 3.11
N ILE B 69 -4.26 22.39 2.16
CA ILE B 69 -4.51 23.82 1.87
C ILE B 69 -5.88 24.13 2.45
N VAL B 70 -5.89 25.02 3.43
CA VAL B 70 -7.10 25.23 4.18
C VAL B 70 -7.43 26.73 4.20
N SER B 71 -8.71 27.03 4.02
CA SER B 71 -9.23 28.38 4.24
C SER B 71 -10.42 28.37 5.20
N GLY B 72 -10.58 29.42 5.98
CA GLY B 72 -11.64 29.45 6.99
C GLY B 72 -11.97 30.85 7.46
N ARG B 73 -13.07 30.99 8.19
CA ARG B 73 -13.56 32.30 8.60
C ARG B 73 -12.71 32.83 9.79
N ASP B 74 -12.13 31.94 10.59
CA ASP B 74 -11.35 32.39 11.75
C ASP B 74 -10.36 31.34 12.23
N GLU B 75 -9.47 31.73 13.14
CA GLU B 75 -8.50 30.83 13.78
C GLU B 75 -9.09 29.45 14.20
N GLN B 76 -10.21 29.49 14.92
CA GLN B 76 -10.84 28.28 15.45
C GLN B 76 -11.37 27.33 14.35
N SER B 77 -12.00 27.87 13.32
CA SER B 77 -12.59 27.06 12.26
C SER B 77 -11.48 26.41 11.42
N ILE B 78 -10.40 27.16 11.24
CA ILE B 78 -9.23 26.64 10.54
C ILE B 78 -8.60 25.49 11.34
N ALA B 79 -8.48 25.72 12.65
CA ALA B 79 -7.96 24.73 13.58
C ALA B 79 -8.78 23.45 13.53
N GLU B 80 -10.11 23.57 13.41
CA GLU B 80 -10.94 22.37 13.39
C GLU B 80 -10.62 21.48 12.20
N ALA B 81 -10.43 22.11 11.04
CA ALA B 81 -10.18 21.37 9.80
C ALA B 81 -8.80 20.74 9.83
N ILE B 82 -7.83 21.45 10.41
CA ILE B 82 -6.47 20.93 10.55
C ILE B 82 -6.50 19.65 11.39
N ILE B 83 -7.24 19.65 12.50
CA ILE B 83 -7.31 18.50 13.41
C ILE B 83 -7.91 17.30 12.69
N VAL B 84 -9.02 17.54 12.00
CA VAL B 84 -9.67 16.46 11.30
C VAL B 84 -8.79 15.86 10.16
N ALA B 85 -8.06 16.71 9.44
CA ALA B 85 -7.17 16.23 8.39
C ALA B 85 -6.03 15.42 9.01
N MET B 86 -5.49 15.92 10.12
CA MET B 86 -4.40 15.27 10.77
C MET B 86 -4.83 13.87 11.22
N VAL B 87 -6.05 13.73 11.75
CA VAL B 87 -6.51 12.41 12.17
C VAL B 87 -6.77 11.51 10.97
N PHE B 88 -7.39 12.07 9.95
CA PHE B 88 -7.72 11.36 8.74
C PHE B 88 -6.45 10.87 8.01
N SER B 89 -5.33 11.59 8.15
CA SER B 89 -4.05 11.17 7.60
C SER B 89 -3.58 9.80 8.11
N GLN B 90 -3.99 9.47 9.34
CA GLN B 90 -3.58 8.23 10.03
C GLN B 90 -2.12 8.24 10.37
N GLU B 91 -1.49 9.41 10.34
CA GLU B 91 -0.08 9.51 10.61
C GLU B 91 0.29 8.94 11.97
N ASP B 92 1.43 8.26 12.02
CA ASP B 92 2.00 7.77 13.28
C ASP B 92 2.15 8.92 14.28
N CYS B 93 2.59 10.08 13.80
CA CYS B 93 2.80 11.24 14.65
C CYS B 93 1.56 11.64 15.43
N MET B 94 0.43 11.48 14.77
CA MET B 94 -0.85 11.78 15.35
C MET B 94 -1.18 10.74 16.40
N ILE B 95 -0.90 9.47 16.09
CA ILE B 95 -1.13 8.35 16.99
C ILE B 95 -0.29 8.51 18.25
N LYS B 96 0.96 8.92 18.07
CA LYS B 96 1.89 9.05 19.18
C LYS B 96 1.59 10.32 20.01
N ALA B 97 0.72 11.19 19.50
CA ALA B 97 0.31 12.38 20.24
C ALA B 97 -0.87 12.15 21.19
N VAL B 98 -1.49 10.97 21.11
CA VAL B 98 -2.57 10.58 22.01
C VAL B 98 -2.02 10.54 23.45
N ARG B 99 -2.80 11.08 24.39
CA ARG B 99 -2.44 11.04 25.80
C ARG B 99 -3.60 10.39 26.55
N GLY B 100 -3.29 9.42 27.39
CA GLY B 100 -4.35 8.69 28.09
C GLY B 100 -5.05 7.69 27.18
N ASP B 101 -6.04 7.01 27.72
CA ASP B 101 -6.66 5.89 27.04
C ASP B 101 -7.84 6.35 26.26
N LEU B 102 -8.17 5.58 25.21
CA LEU B 102 -9.32 5.88 24.37
C LEU B 102 -10.38 4.81 24.48
N ASN B 103 -11.47 5.17 25.15
CA ASN B 103 -12.65 4.33 25.26
C ASN B 103 -13.82 5.23 25.20
N PHE B 104 -13.86 6.12 24.20
CA PHE B 104 -15.04 6.91 23.92
C PHE B 104 -15.99 5.86 23.48
N VAL B 105 -17.26 6.08 23.77
CA VAL B 105 -18.31 5.20 23.36
C VAL B 105 -19.37 6.04 22.68
N ASN B 106 -20.15 5.43 21.83
CA ASN B 106 -21.34 6.12 21.39
C ASN B 106 -22.45 6.01 22.48
N ARG B 107 -23.70 6.25 22.07
CA ARG B 107 -24.88 6.21 22.96
C ARG B 107 -25.10 4.87 23.65
N ALA B 108 -24.72 3.78 22.95
CA ALA B 108 -24.95 2.45 23.43
C ALA B 108 -23.95 1.99 24.50
N ASN B 109 -22.95 2.80 24.83
CA ASN B 109 -21.79 2.32 25.63
C ASN B 109 -20.93 1.30 24.87
N GLN B 110 -20.99 1.33 23.55
CA GLN B 110 -19.99 0.62 22.73
C GLN B 110 -18.88 1.54 22.19
N ARG B 111 -17.73 0.91 22.01
CA ARG B 111 -16.54 1.57 21.53
C ARG B 111 -16.75 2.17 20.13
N LEU B 112 -16.35 3.44 20.00
CA LEU B 112 -16.22 4.07 18.67
C LEU B 112 -15.14 3.30 17.94
N ASN B 113 -15.11 3.33 16.62
CA ASN B 113 -14.03 2.67 15.92
C ASN B 113 -12.77 3.47 16.17
N PRO B 114 -11.63 2.84 15.94
CA PRO B 114 -10.40 3.53 16.24
C PRO B 114 -10.28 4.94 15.61
N MET B 115 -10.70 5.15 14.38
CA MET B 115 -10.56 6.47 13.75
C MET B 115 -11.40 7.51 14.50
N HIS B 116 -12.55 7.11 15.03
CA HIS B 116 -13.41 8.06 15.76
C HIS B 116 -12.99 8.27 17.19
N GLN B 117 -12.28 7.30 17.75
CA GLN B 117 -11.66 7.47 19.03
C GLN B 117 -10.65 8.59 18.96
N LEU B 118 -9.81 8.52 17.93
CA LEU B 118 -8.76 9.50 17.76
C LEU B 118 -9.37 10.89 17.52
N LEU B 119 -10.39 10.93 16.70
CA LEU B 119 -11.07 12.17 16.38
C LEU B 119 -11.62 12.83 17.65
N ARG B 120 -12.32 12.05 18.44
CA ARG B 120 -12.92 12.59 19.66
C ARG B 120 -11.80 13.09 20.62
N HIS B 121 -10.73 12.35 20.71
CA HIS B 121 -9.63 12.75 21.59
C HIS B 121 -8.99 14.09 21.21
N PHE B 122 -8.78 14.32 19.91
CA PHE B 122 -8.02 15.51 19.49
C PHE B 122 -8.91 16.72 19.30
N GLN B 123 -10.17 16.49 19.02
CA GLN B 123 -11.11 17.57 19.10
C GLN B 123 -11.16 18.18 20.53
N LYS B 124 -10.90 17.38 21.57
CA LYS B 124 -10.98 17.87 22.95
C LYS B 124 -9.80 18.76 23.29
N ASP B 125 -8.62 18.37 22.82
CA ASP B 125 -7.41 19.13 23.08
C ASP B 125 -6.40 18.73 22.02
N ALA B 126 -6.04 19.66 21.15
CA ALA B 126 -5.10 19.39 20.07
C ALA B 126 -3.70 19.90 20.32
N LYS B 127 -3.41 20.37 21.55
CA LYS B 127 -2.16 21.07 21.80
C LYS B 127 -1.01 20.14 21.58
N VAL B 128 -1.17 18.89 22.04
CA VAL B 128 -0.08 17.93 21.94
C VAL B 128 0.14 17.56 20.47
N LEU B 129 -0.96 17.30 19.78
CA LEU B 129 -0.94 17.00 18.36
C LEU B 129 -0.19 18.08 17.60
N PHE B 130 -0.65 19.31 17.74
CA PHE B 130 0.00 20.45 17.08
C PHE B 130 1.47 20.68 17.44
N GLN B 131 1.80 20.61 18.71
CA GLN B 131 3.19 20.78 19.14
C GLN B 131 4.15 19.70 18.65
N ASN B 132 3.65 18.49 18.40
CA ASN B 132 4.49 17.37 17.99
C ASN B 132 4.50 17.08 16.49
N TRP B 133 3.57 17.70 15.76
CA TRP B 133 3.32 17.42 14.34
C TRP B 133 4.51 17.78 13.47
N GLY B 134 5.17 18.88 13.80
CA GLY B 134 6.34 19.36 13.07
C GLY B 134 6.04 20.66 12.33
N ILE B 135 7.10 21.44 12.12
CA ILE B 135 7.05 22.71 11.41
C ILE B 135 8.15 22.78 10.34
N GLU B 136 7.96 23.69 9.39
CA GLU B 136 8.83 23.81 8.22
C GLU B 136 8.75 25.22 7.69
N PRO B 137 9.85 25.71 7.07
CA PRO B 137 9.73 27.01 6.45
C PRO B 137 8.74 26.95 5.28
N ILE B 138 8.08 28.06 4.97
CA ILE B 138 7.29 28.16 3.74
C ILE B 138 8.13 28.86 2.67
N ASP B 139 7.90 28.51 1.43
CA ASP B 139 8.70 29.08 0.33
C ASP B 139 7.93 30.15 -0.46
N ASN B 140 6.68 30.41 -0.06
CA ASN B 140 5.86 31.47 -0.69
C ASN B 140 5.44 31.22 -2.14
N VAL B 141 5.81 30.07 -2.71
CA VAL B 141 5.50 29.75 -4.11
C VAL B 141 4.00 29.77 -4.40
N MET B 142 3.17 29.46 -3.40
CA MET B 142 1.72 29.54 -3.57
C MET B 142 1.16 30.86 -3.07
N GLY B 143 2.02 31.72 -2.53
CA GLY B 143 1.56 33.00 -2.02
C GLY B 143 0.60 32.89 -0.85
N MET B 144 0.74 31.83 -0.06
CA MET B 144 -0.22 31.59 1.02
C MET B 144 0.41 32.00 2.32
N ILE B 145 -0.21 31.65 3.43
CA ILE B 145 0.37 31.95 4.70
C ILE B 145 0.51 30.69 5.56
N GLY B 146 1.53 30.69 6.39
CA GLY B 146 1.71 29.63 7.39
C GLY B 146 0.79 29.76 8.59
N ILE B 147 0.63 28.63 9.26
CA ILE B 147 -0.06 28.59 10.53
C ILE B 147 0.78 27.78 11.52
N LEU B 148 1.04 28.38 12.68
CA LEU B 148 1.90 27.76 13.68
C LEU B 148 1.13 26.79 14.59
N PRO B 149 1.86 25.91 15.31
CA PRO B 149 1.21 25.01 16.25
C PRO B 149 0.27 25.69 17.24
N ASP B 150 0.48 26.97 17.55
CA ASP B 150 -0.40 27.69 18.46
C ASP B 150 -1.58 28.33 17.75
N MET B 151 -1.68 28.05 16.45
CA MET B 151 -2.77 28.51 15.59
C MET B 151 -2.69 29.98 15.18
N THR B 152 -1.57 30.59 15.43
CA THR B 152 -1.37 31.95 14.92
C THR B 152 -0.73 31.92 13.53
N PRO B 153 -1.01 32.96 12.72
CA PRO B 153 -0.37 32.98 11.42
C PRO B 153 1.12 33.32 11.43
N SER B 154 1.79 32.86 10.39
CA SER B 154 3.20 33.13 10.21
C SER B 154 3.51 33.17 8.74
N THR B 155 4.31 34.16 8.41
CA THR B 155 4.66 34.42 7.08
C THR B 155 6.02 33.72 6.80
N GLU B 156 6.58 33.04 7.81
CA GLU B 156 7.91 32.41 7.71
C GLU B 156 7.84 30.86 7.71
N MET B 157 6.97 30.34 8.55
CA MET B 157 6.96 28.91 8.89
C MET B 157 5.51 28.47 8.99
N SER B 158 5.32 27.16 9.02
CA SER B 158 4.00 26.59 9.18
C SER B 158 4.12 25.15 9.67
N LEU B 159 3.04 24.69 10.23
CA LEU B 159 2.85 23.26 10.43
C LEU B 159 3.17 22.52 9.14
N ARG B 160 3.88 21.41 9.30
CA ARG B 160 4.36 20.60 8.20
C ARG B 160 3.21 20.23 7.30
N GLY B 161 3.32 20.59 6.02
CA GLY B 161 2.34 20.24 5.01
C GLY B 161 1.13 21.12 4.95
N VAL B 162 1.02 22.07 5.89
CA VAL B 162 -0.23 22.83 5.99
C VAL B 162 -0.02 24.26 5.48
N ARG B 163 -0.92 24.74 4.65
CA ARG B 163 -0.88 26.15 4.20
C ARG B 163 -2.25 26.72 4.27
N VAL B 164 -2.33 27.99 4.64
CA VAL B 164 -3.60 28.66 4.78
C VAL B 164 -3.82 29.63 3.62
N SER B 165 -4.97 29.50 3.02
CA SER B 165 -5.35 30.27 1.86
C SER B 165 -6.46 31.25 2.30
N LYS B 166 -6.39 32.52 1.89
CA LYS B 166 -7.49 33.50 2.08
C LYS B 166 -8.84 33.08 1.50
N MET B 167 -9.89 33.18 2.13
N1 29R C . 0.17 -25.42 -8.79
C2 29R C . -1.19 -25.64 -8.94
N2 29R C . -1.62 -26.73 -9.60
N3 29R C . -2.11 -24.81 -8.41
C4 29R C . -1.69 -23.74 -7.69
C5 29R C . -0.33 -23.50 -7.52
C6 29R C . 0.61 -24.34 -8.07
O6 29R C . 1.86 -24.15 -7.93
N7 29R C . -0.19 -22.38 -6.80
C8 29R C . -1.44 -21.92 -6.51
N9 29R C . -2.36 -22.77 -7.04
C11 29R C . -3.82 -22.72 -6.97
C12 29R C . -4.44 -21.97 -8.11
C13 29R C . -5.96 -21.85 -7.94
C14 29R C . -6.62 -23.13 -8.44
C15 29R C . -8.11 -23.05 -8.48
O16 29R C . -8.65 -21.97 -8.09
O17 29R C . -8.75 -24.06 -8.91
C31 29R C . -3.03 -27.07 -9.67
C32 29R C . -3.69 -26.63 -10.93
C33 29R C . -5.04 -27.38 -11.03
C34 29R C . -5.96 -26.82 -12.12
C35 29R C . -7.36 -26.74 -11.56
O36 29R C . -7.93 -25.62 -11.46
O37 29R C . -7.92 -27.80 -11.17
CM7 29R C . 1.06 -21.72 -6.37
I IOD D . -2.57 -19.79 0.32
I IOD E . 17.86 -17.42 -24.72
I IOD F . -3.14 -18.86 -5.98
I IOD F . -4.22 -19.13 -4.53
I IOD G . -8.07 -14.13 -1.48
I IOD H . -5.77 -26.70 -6.50
I IOD I . 19.73 -4.02 -12.35
I IOD J . 16.52 -3.37 -3.13
N1 29R K . -8.97 6.92 2.08
C2 29R K . -10.18 6.50 1.67
N2 29R K . -10.38 6.33 0.37
N3 29R K . -11.18 6.21 2.56
C4 29R K . -10.95 6.35 3.88
C5 29R K . -9.70 6.81 4.26
C6 29R K . -8.68 7.10 3.34
O6 29R K . -7.55 7.47 3.61
N7 29R K . -9.68 6.89 5.59
C8 29R K . -10.87 6.48 6.02
N9 29R K . -11.66 6.14 5.00
C11 29R K . -13.06 5.68 5.11
C12 29R K . -14.02 6.85 4.89
C13 29R K . -15.47 6.40 4.88
C14 29R K . -16.00 6.26 6.31
C15 29R K . -17.36 5.59 6.27
O16 29R K . -18.25 6.16 5.59
O17 29R K . -17.51 4.51 6.91
C31 29R K . -11.63 5.77 -0.16
C32 29R K . -12.59 6.93 -0.46
C33 29R K . -13.96 6.43 -0.90
C34 29R K . -14.42 7.11 -2.18
C35 29R K . -15.58 6.36 -2.80
O36 29R K . -16.12 5.42 -2.17
O37 29R K . -15.97 6.72 -3.93
CM7 29R K . -8.57 7.33 6.47
I IOD L . -12.98 7.39 8.86
I IOD L . -13.53 5.64 9.20
I IOD M . 2.67 29.08 0.50
I IOD M . 3.70 29.07 0.42
I IOD N . -18.13 4.09 14.12
I IOD N . -17.47 5.01 15.35
I IOD O . 1.65 5.39 -1.39
I IOD P . -11.31 1.89 11.50
I IOD P . -10.53 2.28 12.20
I IOD Q . 4.30 27.69 18.50
#